data_7TCZ
#
_entry.id   7TCZ
#
_cell.length_a   51.673
_cell.length_b   51.673
_cell.length_c   215.726
_cell.angle_alpha   90.00
_cell.angle_beta   90.00
_cell.angle_gamma   90.00
#
_symmetry.space_group_name_H-M   'P 41 2 2'
#
loop_
_entity.id
_entity.type
_entity.pdbx_description
1 polymer Assemblin
2 non-polymer '[1-(2-oxopropyl)-4-phenyl-1H-1,2,3-triazol-5-yl]methyl benzylcarbamate'
3 water water
#
_entity_poly.entity_id   1
_entity_poly.type   'polypeptide(L)'
_entity_poly.pdbx_seq_one_letter_code
;MHHHHHHMTMDEQQSQAVAPVYVGGFLARYDQSPDEAELLLPRDVVEHWLHAQGQGQPSLSVALPLNINHDDTAVVGHVA
AMQSVRDGLFALGAVTSPRFLEIVRRASEKSELVSRGPVSPLQPDKVVEFLSGSYAGLSLSSRRADDVEVATSLSGSETT
PFKHVALCSVGRRRGTLAVYGRDPEWVTQRFPDLTAADRDGLRAQWQRAGSTAVDVSGDPFRSDSYGLLGNSVDALYIRE
RLPKLRYDKQLVGVTERESYVKA
;
_entity_poly.pdbx_strand_id   A
#
loop_
_chem_comp.id
_chem_comp.type
_chem_comp.name
_chem_comp.formula
GIT non-polymer '[1-(2-oxopropyl)-4-phenyl-1H-1,2,3-triazol-5-yl]methyl benzylcarbamate' 'C20 H20 N4 O3'
#
# COMPACT_ATOMS: atom_id res chain seq x y z
N GLN A 13 -14.28 25.65 1.04
CA GLN A 13 -12.96 25.07 1.29
C GLN A 13 -13.02 23.90 2.27
N GLN A 14 -13.92 22.95 1.98
CA GLN A 14 -14.06 21.72 2.77
C GLN A 14 -12.94 20.74 2.44
N SER A 15 -12.21 20.31 3.49
CA SER A 15 -11.06 19.42 3.35
C SER A 15 -11.51 17.96 3.51
N GLN A 16 -12.20 17.49 2.48
CA GLN A 16 -12.46 16.07 2.35
C GLN A 16 -11.33 15.42 1.55
N ALA A 17 -10.14 15.53 2.11
CA ALA A 17 -8.94 14.93 1.50
C ALA A 17 -8.14 14.30 2.61
N VAL A 18 -8.14 14.92 3.78
CA VAL A 18 -7.40 14.41 4.97
C VAL A 18 -8.31 13.44 5.70
N ALA A 19 -9.13 12.72 4.95
CA ALA A 19 -9.98 11.68 5.54
C ALA A 19 -9.28 10.36 5.34
N PRO A 20 -9.71 9.25 5.94
CA PRO A 20 -8.93 8.00 5.83
C PRO A 20 -8.68 7.59 4.38
N VAL A 21 -7.59 6.83 4.18
CA VAL A 21 -7.25 6.21 2.90
C VAL A 21 -6.97 4.76 3.19
N TYR A 22 -7.45 3.87 2.33
CA TYR A 22 -7.19 2.44 2.48
C TYR A 22 -6.21 2.00 1.41
N VAL A 23 -5.51 0.92 1.71
CA VAL A 23 -4.46 0.41 0.85
C VAL A 23 -4.52 -1.10 0.90
N GLY A 24 -4.43 -1.72 -0.25
CA GLY A 24 -4.48 -3.17 -0.32
C GLY A 24 -3.46 -3.65 -1.32
N GLY A 25 -3.06 -4.90 -1.15
CA GLY A 25 -2.07 -5.46 -2.04
C GLY A 25 -1.59 -6.78 -1.49
N PHE A 26 -0.90 -7.50 -2.35
CA PHE A 26 -0.28 -8.75 -1.93
C PHE A 26 1.00 -8.44 -1.15
N LEU A 27 1.09 -8.99 0.06
CA LEU A 27 2.34 -8.95 0.83
C LEU A 27 3.36 -9.96 0.31
N ALA A 28 2.92 -10.97 -0.42
CA ALA A 28 3.82 -12.00 -0.92
C ALA A 28 3.05 -12.91 -1.85
N ARG A 29 3.68 -13.24 -2.98
CA ARG A 29 3.02 -14.02 -4.03
C ARG A 29 3.58 -15.44 -4.03
N TYR A 30 2.68 -16.43 -3.90
CA TYR A 30 3.05 -17.85 -3.87
C TYR A 30 3.42 -18.40 -5.22
N ASP A 31 3.45 -17.61 -6.29
CA ASP A 31 3.89 -18.09 -7.60
C ASP A 31 5.18 -17.44 -8.06
N GLN A 32 5.91 -16.77 -7.17
CA GLN A 32 7.08 -16.00 -7.54
C GLN A 32 8.23 -16.33 -6.60
N SER A 33 9.25 -16.97 -7.13
CA SER A 33 10.47 -17.19 -6.36
C SER A 33 11.12 -15.84 -6.08
N PRO A 34 11.52 -15.56 -4.84
CA PRO A 34 12.22 -14.30 -4.55
C PRO A 34 13.42 -14.08 -5.45
N ASP A 35 14.00 -12.86 -5.44
CA ASP A 35 15.31 -12.70 -6.06
C ASP A 35 16.41 -13.27 -5.17
N GLU A 36 16.32 -13.01 -3.87
CA GLU A 36 17.18 -13.61 -2.85
C GLU A 36 16.45 -14.78 -2.20
N ALA A 37 17.21 -15.77 -1.73
CA ALA A 37 16.59 -16.89 -1.03
C ALA A 37 15.97 -16.48 0.31
N GLU A 38 16.39 -15.35 0.89
CA GLU A 38 15.95 -14.94 2.22
C GLU A 38 14.53 -14.39 2.23
N LEU A 39 13.98 -14.06 1.06
CA LEU A 39 12.62 -13.56 0.97
C LEU A 39 11.60 -14.70 0.88
N LEU A 40 12.01 -15.92 0.51
CA LEU A 40 11.09 -17.05 0.45
C LEU A 40 10.17 -17.08 1.66
N LEU A 41 8.86 -17.05 1.40
CA LEU A 41 7.85 -17.13 2.45
C LEU A 41 6.70 -17.98 1.90
N PRO A 42 6.64 -19.26 2.29
CA PRO A 42 5.66 -20.19 1.68
C PRO A 42 4.29 -20.19 2.36
N ARG A 43 3.32 -20.80 1.65
CA ARG A 43 1.92 -20.86 2.11
C ARG A 43 1.81 -21.47 3.50
N ASP A 44 2.38 -22.66 3.69
CA ASP A 44 2.35 -23.32 5.01
C ASP A 44 2.99 -22.45 6.08
N VAL A 45 4.10 -21.79 5.73
CA VAL A 45 4.75 -20.87 6.66
C VAL A 45 3.79 -19.76 7.07
N VAL A 46 3.09 -19.19 6.10
CA VAL A 46 2.22 -18.05 6.34
C VAL A 46 0.97 -18.45 7.11
N GLU A 47 0.42 -19.64 6.83
CA GLU A 47 -0.85 -20.01 7.43
C GLU A 47 -0.69 -20.43 8.89
N HIS A 48 0.40 -21.12 9.22
CA HIS A 48 0.72 -21.33 10.62
C HIS A 48 0.68 -20.02 11.39
N TRP A 49 1.13 -18.94 10.75
CA TRP A 49 1.28 -17.65 11.44
C TRP A 49 -0.05 -16.94 11.63
N LEU A 50 -1.05 -17.28 10.83
CA LEU A 50 -2.35 -16.67 10.99
C LEU A 50 -3.02 -17.24 12.25
N HIS A 51 -2.27 -18.06 12.99
CA HIS A 51 -2.71 -18.55 14.29
C HIS A 51 -3.95 -19.40 14.13
N VAL A 62 -5.20 -6.31 19.27
CA VAL A 62 -3.84 -6.77 19.04
C VAL A 62 -3.42 -6.56 17.57
N ALA A 63 -4.05 -5.58 16.91
CA ALA A 63 -3.84 -5.35 15.48
C ALA A 63 -2.48 -4.71 15.20
N LEU A 64 -1.91 -5.00 13.96
CA LEU A 64 -0.51 -4.63 13.74
C LEU A 64 -0.39 -3.36 12.92
N PRO A 65 0.67 -2.58 13.14
CA PRO A 65 0.71 -1.22 12.62
C PRO A 65 1.22 -1.12 11.20
N LEU A 66 0.94 0.02 10.60
CA LEU A 66 1.32 0.36 9.24
C LEU A 66 2.16 1.63 9.32
N ASN A 67 3.38 1.58 8.77
CA ASN A 67 4.30 2.72 8.85
C ASN A 67 4.97 2.92 7.49
N ILE A 68 5.90 3.89 7.46
CA ILE A 68 6.58 4.33 6.25
C ILE A 68 8.04 3.88 6.32
N ASN A 69 8.45 3.05 5.36
CA ASN A 69 9.85 2.62 5.22
C ASN A 69 10.42 2.09 6.53
N HIS A 70 9.60 1.31 7.25
CA HIS A 70 9.98 0.57 8.44
C HIS A 70 10.38 1.46 9.61
N ASP A 71 10.10 2.76 9.54
CA ASP A 71 10.35 3.69 10.64
C ASP A 71 9.22 3.58 11.65
N ASP A 72 9.53 3.02 12.83
CA ASP A 72 8.53 2.91 13.90
C ASP A 72 8.06 4.28 14.37
N THR A 73 8.86 5.32 14.19
CA THR A 73 8.41 6.66 14.52
C THR A 73 7.40 7.19 13.52
N ALA A 74 7.29 6.55 12.35
CA ALA A 74 6.45 6.99 11.25
C ALA A 74 5.28 6.03 11.04
N VAL A 75 4.53 5.77 12.11
CA VAL A 75 3.30 5.00 12.02
C VAL A 75 2.18 5.89 11.51
N VAL A 76 1.50 5.42 10.45
CA VAL A 76 0.46 6.19 9.76
C VAL A 76 -0.91 5.56 9.90
N GLY A 77 -1.00 4.32 10.34
CA GLY A 77 -2.26 3.61 10.50
C GLY A 77 -2.06 2.18 10.94
N HIS A 78 -2.92 1.28 10.44
CA HIS A 78 -2.89 -0.10 10.89
C HIS A 78 -3.39 -1.03 9.78
N VAL A 79 -3.01 -2.30 9.89
CA VAL A 79 -3.47 -3.33 8.98
C VAL A 79 -4.81 -3.83 9.47
N ALA A 80 -5.83 -3.71 8.61
CA ALA A 80 -7.20 -3.99 9.00
C ALA A 80 -7.63 -5.41 8.67
N ALA A 81 -6.91 -6.11 7.82
CA ALA A 81 -7.28 -7.47 7.43
C ALA A 81 -6.19 -8.06 6.55
N MET A 82 -5.81 -9.30 6.86
CA MET A 82 -4.94 -10.12 6.03
C MET A 82 -5.65 -11.44 5.77
N GLN A 83 -5.39 -12.04 4.61
CA GLN A 83 -6.04 -13.29 4.24
C GLN A 83 -5.13 -13.99 3.22
N SER A 84 -4.87 -15.28 3.44
CA SER A 84 -4.11 -16.05 2.48
C SER A 84 -5.08 -16.63 1.45
N VAL A 85 -4.75 -16.45 0.17
CA VAL A 85 -5.57 -16.93 -0.91
C VAL A 85 -4.72 -17.78 -1.85
N ARG A 86 -5.27 -18.08 -3.03
CA ARG A 86 -4.60 -19.01 -3.93
C ARG A 86 -3.24 -18.47 -4.38
N ASP A 87 -3.16 -17.19 -4.72
CA ASP A 87 -1.93 -16.65 -5.27
C ASP A 87 -0.98 -16.04 -4.23
N GLY A 88 -1.44 -15.80 -3.00
CA GLY A 88 -0.54 -15.21 -2.02
C GLY A 88 -1.22 -14.77 -0.74
N LEU A 89 -0.64 -13.75 -0.11
CA LEU A 89 -1.11 -13.18 1.14
C LEU A 89 -1.56 -11.74 0.86
N PHE A 90 -2.87 -11.52 0.92
CA PHE A 90 -3.42 -10.19 0.70
C PHE A 90 -3.57 -9.46 2.03
N ALA A 91 -3.33 -8.15 1.98
CA ALA A 91 -3.49 -7.30 3.15
C ALA A 91 -4.19 -6.01 2.73
N LEU A 92 -4.93 -5.44 3.67
CA LEU A 92 -5.68 -4.20 3.45
C LEU A 92 -5.61 -3.36 4.71
N GLY A 93 -4.91 -2.22 4.64
CA GLY A 93 -4.71 -1.34 5.77
C GLY A 93 -5.52 -0.06 5.63
N ALA A 94 -5.48 0.73 6.72
CA ALA A 94 -6.14 2.02 6.81
C ALA A 94 -5.10 3.07 7.19
N VAL A 95 -5.02 4.13 6.39
CA VAL A 95 -4.12 5.24 6.65
C VAL A 95 -4.95 6.31 7.38
N THR A 96 -4.87 6.31 8.71
CA THR A 96 -5.75 7.15 9.50
C THR A 96 -5.07 8.36 10.10
N SER A 97 -3.75 8.42 10.14
CA SER A 97 -3.09 9.44 10.95
C SER A 97 -3.41 10.82 10.43
N PRO A 98 -4.11 11.67 11.20
CA PRO A 98 -4.28 13.06 10.79
C PRO A 98 -2.98 13.77 10.48
N ARG A 99 -1.96 13.63 11.33
CA ARG A 99 -0.73 14.41 11.11
C ARG A 99 -0.08 14.04 9.79
N PHE A 100 -0.02 12.73 9.48
CA PHE A 100 0.58 12.27 8.24
C PHE A 100 -0.23 12.68 7.01
N LEU A 101 -1.54 12.41 7.02
CA LEU A 101 -2.38 12.75 5.87
C LEU A 101 -2.30 14.24 5.53
N GLU A 102 -2.19 15.09 6.54
CA GLU A 102 -2.02 16.52 6.32
C GLU A 102 -0.68 16.85 5.67
N ILE A 103 0.42 16.23 6.12
CA ILE A 103 1.68 16.38 5.39
C ILE A 103 1.52 15.99 3.93
N VAL A 104 0.90 14.82 3.68
CA VAL A 104 0.69 14.34 2.31
C VAL A 104 -0.14 15.33 1.49
N ARG A 105 -1.14 15.93 2.11
CA ARG A 105 -2.01 16.87 1.40
C ARG A 105 -1.24 18.08 0.90
N ARG A 106 -0.34 18.64 1.73
CA ARG A 106 0.43 19.83 1.36
C ARG A 106 1.45 19.54 0.27
N ALA A 107 2.05 18.34 0.29
CA ALA A 107 3.05 18.02 -0.74
C ALA A 107 2.41 17.76 -2.09
N SER A 108 1.25 17.10 -2.10
CA SER A 108 0.55 16.80 -3.36
C SER A 108 0.09 18.06 -4.07
N GLU A 109 -0.18 19.14 -3.33
CA GLU A 109 -0.48 20.37 -4.04
C GLU A 109 0.70 20.86 -4.83
N LYS A 110 1.90 20.33 -4.56
CA LYS A 110 3.13 20.87 -5.11
C LYS A 110 3.82 19.89 -6.04
N SER A 111 3.09 18.91 -6.61
CA SER A 111 3.74 17.91 -7.43
C SER A 111 3.09 17.83 -8.81
N GLU A 112 3.92 17.85 -9.84
CA GLU A 112 3.43 17.84 -11.21
C GLU A 112 2.73 16.54 -11.56
N LEU A 113 3.25 15.42 -11.07
CA LEU A 113 2.62 14.14 -11.33
C LEU A 113 1.17 14.15 -10.83
N VAL A 114 0.94 14.71 -9.63
CA VAL A 114 -0.43 14.77 -9.12
C VAL A 114 -1.30 15.72 -9.93
N SER A 115 -0.74 16.84 -10.38
CA SER A 115 -1.55 17.83 -11.07
C SER A 115 -1.97 17.35 -12.44
N ARG A 116 -1.32 16.31 -12.95
CA ARG A 116 -1.75 15.68 -14.18
C ARG A 116 -2.92 14.73 -13.97
N GLY A 117 -3.19 14.35 -12.72
CA GLY A 117 -4.39 13.63 -12.37
C GLY A 117 -4.40 12.20 -12.89
N PRO A 118 -5.42 11.44 -12.49
CA PRO A 118 -5.50 10.02 -12.86
C PRO A 118 -6.00 9.86 -14.28
N VAL A 119 -6.27 8.61 -14.68
CA VAL A 119 -6.87 8.40 -16.03
C VAL A 119 -8.28 9.02 -16.03
N SER A 120 -8.66 9.72 -17.10
CA SER A 120 -9.95 10.46 -17.20
C SER A 120 -11.09 9.88 -16.30
N PRO A 121 -11.61 8.63 -16.47
CA PRO A 121 -12.74 8.14 -15.67
C PRO A 121 -12.59 8.37 -14.16
N LEU A 122 -11.40 8.10 -13.60
CA LEU A 122 -11.19 8.23 -12.13
C LEU A 122 -11.22 9.70 -11.71
N GLN A 123 -11.95 10.01 -10.62
CA GLN A 123 -11.96 11.35 -10.07
C GLN A 123 -10.58 11.72 -9.53
N PRO A 124 -10.13 12.96 -9.73
CA PRO A 124 -8.86 13.38 -9.12
C PRO A 124 -8.93 13.30 -7.60
N ASP A 125 -7.89 12.70 -7.00
CA ASP A 125 -7.75 12.62 -5.53
C ASP A 125 -6.29 12.90 -5.24
N LYS A 126 -5.96 14.18 -5.07
CA LYS A 126 -4.55 14.56 -4.93
C LYS A 126 -3.82 13.69 -3.90
N VAL A 127 -4.43 13.48 -2.74
CA VAL A 127 -3.78 12.69 -1.69
C VAL A 127 -3.65 11.22 -2.09
N VAL A 128 -4.72 10.61 -2.60
CA VAL A 128 -4.61 9.20 -2.98
C VAL A 128 -3.58 9.02 -4.09
N GLU A 129 -3.49 9.98 -5.01
CA GLU A 129 -2.49 9.90 -6.07
C GLU A 129 -1.09 10.03 -5.48
N PHE A 130 -0.88 10.99 -4.59
CA PHE A 130 0.45 11.18 -4.05
C PHE A 130 0.93 9.92 -3.38
N LEU A 131 0.11 9.36 -2.50
CA LEU A 131 0.48 8.10 -1.89
C LEU A 131 0.72 7.04 -2.95
N SER A 132 -0.09 7.04 -4.01
CA SER A 132 0.07 6.04 -5.05
C SER A 132 1.43 6.17 -5.71
N GLY A 133 1.93 7.40 -5.87
CA GLY A 133 3.20 7.61 -6.51
C GLY A 133 4.37 7.30 -5.61
N SER A 134 4.33 7.86 -4.38
CA SER A 134 5.44 7.76 -3.43
C SER A 134 5.63 6.33 -2.95
N TYR A 135 4.56 5.74 -2.43
CA TYR A 135 4.64 4.49 -1.69
C TYR A 135 3.95 3.36 -2.43
N ALA A 136 4.42 3.10 -3.65
CA ALA A 136 3.78 2.20 -4.58
C ALA A 136 3.93 0.72 -4.22
N GLY A 137 4.69 0.37 -3.16
CA GLY A 137 4.92 -1.01 -2.84
C GLY A 137 4.57 -1.35 -1.39
N LEU A 138 4.37 -2.64 -1.17
CA LEU A 138 4.14 -3.15 0.17
C LEU A 138 5.27 -4.08 0.61
N SER A 139 5.65 -3.99 1.88
CA SER A 139 6.73 -4.81 2.40
C SER A 139 6.36 -5.29 3.79
N LEU A 140 6.27 -6.61 3.95
CA LEU A 140 6.05 -7.25 5.23
C LEU A 140 7.39 -7.56 5.89
N SER A 141 7.62 -7.02 7.09
CA SER A 141 8.77 -7.38 7.90
C SER A 141 8.33 -8.37 8.96
N PHE A 162 4.51 -11.77 12.55
CA PHE A 162 4.53 -10.49 11.85
C PHE A 162 4.86 -9.37 12.83
N LYS A 163 5.73 -8.45 12.42
CA LYS A 163 5.93 -7.27 13.25
C LYS A 163 5.08 -6.09 12.77
N HIS A 164 5.11 -5.81 11.47
CA HIS A 164 4.40 -4.66 10.94
C HIS A 164 4.48 -4.69 9.44
N VAL A 165 3.65 -3.88 8.80
CA VAL A 165 3.67 -3.69 7.35
C VAL A 165 4.11 -2.26 7.05
N ALA A 166 4.96 -2.13 6.05
CA ALA A 166 5.51 -0.84 5.66
C ALA A 166 5.06 -0.45 4.27
N LEU A 167 4.95 0.85 4.04
CA LEU A 167 4.70 1.40 2.71
C LEU A 167 6.03 1.86 2.11
N CYS A 168 6.56 1.11 1.14
CA CYS A 168 7.85 1.42 0.55
C CYS A 168 7.68 2.20 -0.75
N SER A 169 8.79 2.60 -1.35
CA SER A 169 8.67 3.07 -2.72
C SER A 169 8.46 1.90 -3.67
N VAL A 170 9.14 0.77 -3.42
CA VAL A 170 8.96 -0.48 -4.14
C VAL A 170 9.24 -1.61 -3.15
N GLY A 171 8.90 -2.84 -3.51
CA GLY A 171 8.67 -3.87 -2.51
C GLY A 171 9.75 -4.88 -2.11
N ARG A 172 10.79 -5.00 -2.95
CA ARG A 172 11.88 -6.01 -2.74
C ARG A 172 11.29 -7.35 -3.20
N ARG A 173 10.12 -7.71 -2.69
CA ARG A 173 9.41 -8.92 -3.20
C ARG A 173 8.55 -8.44 -4.37
N ARG A 174 8.40 -9.26 -5.40
CA ARG A 174 7.59 -8.88 -6.56
C ARG A 174 6.12 -9.19 -6.31
N GLY A 175 5.24 -8.37 -6.91
CA GLY A 175 3.82 -8.46 -6.66
C GLY A 175 3.33 -7.72 -5.43
N THR A 176 4.16 -6.87 -4.83
CA THR A 176 3.81 -6.18 -3.60
C THR A 176 3.11 -4.84 -3.85
N LEU A 177 2.52 -4.69 -5.03
CA LEU A 177 1.89 -3.44 -5.47
C LEU A 177 0.85 -2.94 -4.48
N ALA A 178 1.01 -1.68 -4.08
CA ALA A 178 0.13 -1.05 -3.10
C ALA A 178 -0.89 -0.21 -3.85
N VAL A 179 -2.17 -0.52 -3.62
CA VAL A 179 -3.31 0.12 -4.29
C VAL A 179 -4.05 0.93 -3.23
N TYR A 180 -4.14 2.24 -3.45
CA TYR A 180 -4.76 3.18 -2.51
C TYR A 180 -6.13 3.61 -3.01
N GLY A 181 -7.00 3.91 -2.05
CA GLY A 181 -8.39 4.24 -2.38
C GLY A 181 -9.15 4.67 -1.14
N ARG A 182 -10.30 5.30 -1.37
CA ARG A 182 -11.09 5.88 -0.29
C ARG A 182 -12.12 4.92 0.32
N ASP A 183 -12.38 3.78 -0.32
CA ASP A 183 -13.32 2.75 0.14
C ASP A 183 -12.61 1.40 0.25
N PRO A 184 -12.72 0.71 1.40
CA PRO A 184 -12.05 -0.60 1.51
C PRO A 184 -12.45 -1.56 0.41
N GLU A 185 -13.75 -1.69 0.17
CA GLU A 185 -14.19 -2.43 -0.99
C GLU A 185 -13.60 -1.84 -2.27
N TRP A 186 -13.33 -0.57 -2.44
CA TRP A 186 -12.79 -0.20 -3.76
C TRP A 186 -11.43 -0.87 -3.95
N VAL A 187 -10.53 -0.80 -2.95
CA VAL A 187 -9.19 -1.38 -3.17
C VAL A 187 -9.30 -2.84 -3.59
N THR A 188 -9.94 -3.65 -2.74
CA THR A 188 -9.97 -5.07 -2.99
C THR A 188 -10.39 -5.39 -4.43
N GLN A 189 -11.40 -4.69 -4.95
CA GLN A 189 -11.93 -5.05 -6.26
C GLN A 189 -10.96 -4.78 -7.40
N ARG A 190 -9.84 -4.08 -7.18
CA ARG A 190 -8.89 -3.97 -8.30
C ARG A 190 -8.13 -5.27 -8.54
N PHE A 191 -8.23 -6.23 -7.63
CA PHE A 191 -7.35 -7.38 -7.71
C PHE A 191 -8.11 -8.56 -8.30
N PRO A 192 -8.01 -8.80 -9.60
CA PRO A 192 -8.80 -9.89 -10.22
C PRO A 192 -8.65 -11.26 -9.55
N ASP A 193 -7.41 -11.67 -9.21
CA ASP A 193 -7.16 -12.97 -8.56
C ASP A 193 -7.97 -13.20 -7.30
N LEU A 194 -8.49 -12.15 -6.68
CA LEU A 194 -9.29 -12.32 -5.48
C LEU A 194 -10.69 -12.76 -5.87
N THR A 195 -11.22 -13.76 -5.16
CA THR A 195 -12.57 -14.26 -5.38
C THR A 195 -13.57 -13.51 -4.51
N ALA A 196 -14.85 -13.66 -4.86
CA ALA A 196 -15.91 -13.14 -4.01
C ALA A 196 -15.75 -13.64 -2.58
N ALA A 197 -15.57 -14.96 -2.41
CA ALA A 197 -15.42 -15.51 -1.07
C ALA A 197 -14.18 -14.94 -0.39
N ASP A 198 -13.08 -14.77 -1.14
CA ASP A 198 -11.92 -14.08 -0.60
C ASP A 198 -12.33 -12.70 -0.07
N ARG A 199 -13.02 -11.92 -0.91
CA ARG A 199 -13.41 -10.55 -0.54
C ARG A 199 -14.26 -10.55 0.71
N ASP A 200 -15.00 -11.63 0.94
CA ASP A 200 -15.88 -11.69 2.11
C ASP A 200 -15.09 -12.00 3.37
N GLY A 201 -14.01 -12.78 3.27
CA GLY A 201 -13.15 -12.98 4.42
C GLY A 201 -12.51 -11.69 4.90
N LEU A 202 -12.04 -10.87 3.95
CA LEU A 202 -11.48 -9.57 4.31
C LEU A 202 -12.56 -8.65 4.90
N ARG A 203 -13.70 -8.53 4.21
CA ARG A 203 -14.76 -7.62 4.65
C ARG A 203 -15.17 -7.88 6.08
N ALA A 204 -15.06 -9.13 6.52
CA ALA A 204 -15.36 -9.47 7.91
C ALA A 204 -14.34 -8.88 8.87
N GLN A 205 -13.08 -8.75 8.44
CA GLN A 205 -12.08 -8.21 9.35
C GLN A 205 -12.15 -6.68 9.44
N TRP A 206 -12.22 -5.99 8.29
CA TRP A 206 -12.22 -4.53 8.28
C TRP A 206 -13.56 -3.93 8.72
N GLN A 207 -14.53 -4.78 9.06
CA GLN A 207 -15.73 -4.37 9.76
C GLN A 207 -15.81 -5.00 11.14
N ARG A 208 -14.73 -5.67 11.59
CA ARG A 208 -14.76 -6.51 12.78
C ARG A 208 -15.26 -5.73 14.00
N SER A 217 -6.15 6.65 20.85
CA SER A 217 -4.87 6.65 21.55
C SER A 217 -3.91 7.69 20.99
N GLY A 218 -4.44 8.73 20.33
CA GLY A 218 -3.61 9.83 19.84
C GLY A 218 -3.09 9.63 18.41
N ASP A 219 -2.11 10.46 18.05
CA ASP A 219 -1.57 10.48 16.68
C ASP A 219 -0.31 9.64 16.58
N PRO A 220 -0.33 8.50 15.88
CA PRO A 220 0.82 7.60 15.90
C PRO A 220 1.97 8.00 14.98
N PHE A 221 1.91 9.17 14.34
CA PHE A 221 2.96 9.62 13.44
C PHE A 221 3.79 10.66 14.17
N ARG A 222 4.99 10.26 14.60
CA ARG A 222 5.90 11.18 15.33
C ARG A 222 6.96 11.70 14.36
N SER A 223 7.05 11.14 13.15
CA SER A 223 7.97 11.67 12.11
C SER A 223 7.36 12.93 11.49
N ASP A 224 7.97 13.49 10.42
CA ASP A 224 7.49 14.73 9.85
C ASP A 224 7.95 14.92 8.41
N SER A 225 7.71 16.12 7.88
CA SER A 225 8.02 16.34 6.48
C SER A 225 9.50 16.09 6.21
N TYR A 226 10.38 16.62 7.07
CA TYR A 226 11.81 16.43 6.83
C TYR A 226 12.22 14.96 6.78
N GLY A 227 11.61 14.08 7.56
CA GLY A 227 12.00 12.70 7.53
C GLY A 227 11.51 11.94 6.31
N LEU A 228 10.33 12.28 5.80
CA LEU A 228 9.86 11.69 4.55
C LEU A 228 10.67 12.20 3.36
N LEU A 229 10.96 13.51 3.34
CA LEU A 229 12.00 14.04 2.47
C LEU A 229 13.26 13.21 2.53
N GLY A 230 13.62 12.73 3.72
CA GLY A 230 14.87 12.02 3.85
C GLY A 230 14.83 10.68 3.16
N ASN A 231 13.73 9.94 3.35
CA ASN A 231 13.69 8.64 2.70
C ASN A 231 13.26 8.73 1.26
N SER A 232 13.00 9.93 0.75
CA SER A 232 12.62 10.04 -0.65
C SER A 232 13.84 9.90 -1.56
N VAL A 233 14.94 10.58 -1.23
CA VAL A 233 16.14 10.47 -2.07
C VAL A 233 16.70 9.07 -2.03
N ASP A 234 16.50 8.36 -0.92
CA ASP A 234 16.92 6.98 -0.86
C ASP A 234 16.16 6.16 -1.89
N ALA A 235 14.89 6.46 -2.09
CA ALA A 235 14.14 5.70 -3.06
C ALA A 235 14.67 5.93 -4.48
N LEU A 236 15.21 7.10 -4.74
CA LEU A 236 15.66 7.39 -6.09
C LEU A 236 16.71 6.40 -6.57
N TYR A 237 17.51 5.85 -5.66
CA TYR A 237 18.65 5.01 -6.03
C TYR A 237 18.33 3.52 -5.91
N ILE A 238 17.06 3.14 -5.96
CA ILE A 238 16.70 1.74 -6.09
C ILE A 238 16.76 1.36 -7.56
N ARG A 239 17.58 0.36 -7.87
CA ARG A 239 17.83 -0.03 -9.24
C ARG A 239 16.60 -0.68 -9.84
N GLU A 240 16.23 -0.22 -11.05
CA GLU A 240 15.07 -0.72 -11.81
C GLU A 240 13.78 -0.65 -10.98
N ARG A 241 13.51 0.55 -10.47
CA ARG A 241 12.34 0.78 -9.62
C ARG A 241 11.07 0.69 -10.43
N LEU A 242 10.99 1.47 -11.51
CA LEU A 242 9.83 1.43 -12.40
C LEU A 242 9.63 0.05 -13.03
N PRO A 243 10.57 -0.48 -13.82
CA PRO A 243 10.42 -1.84 -14.35
C PRO A 243 9.92 -2.86 -13.34
N LYS A 244 10.48 -2.87 -12.13
CA LYS A 244 9.97 -3.72 -11.07
C LYS A 244 8.50 -3.42 -10.80
N LEU A 245 8.13 -2.13 -10.84
CA LEU A 245 6.76 -1.79 -10.51
C LEU A 245 5.81 -2.12 -11.66
N ARG A 246 6.18 -1.71 -12.88
CA ARG A 246 5.40 -2.11 -14.05
C ARG A 246 5.20 -3.62 -14.05
N TYR A 247 6.17 -4.35 -13.50
CA TYR A 247 6.08 -5.80 -13.50
C TYR A 247 5.02 -6.30 -12.52
N ASP A 248 5.06 -5.82 -11.26
CA ASP A 248 4.04 -6.21 -10.30
C ASP A 248 2.63 -5.85 -10.80
N LYS A 249 2.52 -4.76 -11.55
CA LYS A 249 1.24 -4.35 -12.11
C LYS A 249 0.68 -5.45 -13.00
N GLN A 250 1.47 -5.89 -13.98
CA GLN A 250 1.07 -7.00 -14.83
C GLN A 250 0.79 -8.26 -14.02
N LEU A 251 1.50 -8.47 -12.91
CA LEU A 251 1.41 -9.74 -12.19
C LEU A 251 0.09 -9.87 -11.46
N VAL A 252 -0.20 -8.94 -10.55
CA VAL A 252 -1.42 -9.02 -9.76
C VAL A 252 -2.64 -8.55 -10.53
N GLY A 253 -2.45 -8.13 -11.78
CA GLY A 253 -3.54 -7.85 -12.69
C GLY A 253 -4.12 -6.46 -12.62
N VAL A 254 -3.47 -5.55 -11.95
CA VAL A 254 -3.99 -4.19 -11.86
C VAL A 254 -3.48 -3.40 -13.05
N THR A 255 -4.24 -2.38 -13.43
CA THR A 255 -3.91 -1.44 -14.52
C THR A 255 -4.17 -0.02 -14.00
N GLU A 256 -3.72 1.01 -14.73
CA GLU A 256 -3.94 2.37 -14.26
C GLU A 256 -5.22 2.95 -14.81
N ARG A 257 -5.78 2.29 -15.80
CA ARG A 257 -7.06 2.79 -16.19
C ARG A 257 -8.14 2.29 -15.23
N GLU A 258 -7.73 1.57 -14.21
CA GLU A 258 -8.71 1.17 -13.18
C GLU A 258 -8.12 1.54 -11.82
N SER A 259 -7.01 2.28 -11.76
CA SER A 259 -6.34 2.51 -10.49
C SER A 259 -5.70 3.87 -10.44
N TYR A 260 -5.38 4.30 -9.23
CA TYR A 260 -4.54 5.46 -9.09
C TYR A 260 -3.05 5.13 -9.22
N VAL A 261 -2.71 3.89 -9.57
CA VAL A 261 -1.31 3.51 -9.70
C VAL A 261 -0.65 4.40 -10.72
N LYS A 262 0.48 4.99 -10.34
CA LYS A 262 1.15 5.95 -11.20
C LYS A 262 2.28 5.33 -12.00
N ALA A 263 2.57 4.05 -11.79
CA ALA A 263 3.69 3.44 -12.50
C ALA A 263 3.24 2.81 -13.82
C15 GIT B . 18.35 1.58 2.48
C17 GIT B . 19.87 2.46 0.66
C22 GIT B . 15.87 -1.69 -1.83
C12 GIT B . 17.20 -0.56 3.18
C18 GIT B . 20.09 2.86 -0.64
C01 GIT B . 10.40 -1.69 1.94
C02 GIT B . 11.82 -1.90 2.47
C04 GIT B . 12.89 -0.84 2.21
C08 GIT B . 14.67 -1.38 -0.90
C09 GIT B . 14.65 -1.30 0.50
C10 GIT B . 15.85 -1.53 1.44
C16 GIT B . 18.61 2.04 1.05
C19 GIT B . 19.04 2.86 -1.56
C20 GIT B . 17.78 2.45 -1.17
C21 GIT B . 17.56 2.03 0.13
C23 GIT B . 15.68 -2.57 -2.90
C24 GIT B . 16.72 -2.88 -3.77
C25 GIT B . 17.98 -2.31 -3.58
C26 GIT B . 18.19 -1.44 -2.51
C27 GIT B . 17.14 -1.13 -1.65
N05 GIT B . 13.39 -1.01 0.86
N06 GIT B . 12.62 -0.90 -0.26
N07 GIT B . 13.43 -1.13 -1.34
N14 GIT B . 18.34 0.12 2.60
O03 GIT B . 12.12 -2.87 3.08
O11 GIT B . 15.97 -0.56 2.47
O13 GIT B . 17.31 -1.10 4.23
H151 GIT B . 17.51 1.91 2.76
H152 GIT B . 19.02 1.93 3.04
H171 GIT B . 20.57 2.46 1.27
H181 GIT B . 20.93 3.15 -0.90
H012 GIT B . 10.03 -0.89 2.29
H011 GIT B . 10.41 -1.66 0.99
H041 GIT B . 12.52 0.01 2.31
H042 GIT B . 13.60 -0.94 2.83
H102 GIT B . 15.76 -2.38 1.84
H101 GIT B . 16.64 -1.51 0.93
H191 GIT B . 19.19 3.14 -2.43
H201 GIT B . 17.08 2.45 -1.79
H211 GIT B . 16.72 1.75 0.39
H231 GIT B . 14.84 -2.95 -3.04
H241 GIT B . 16.58 -3.47 -4.47
H251 GIT B . 18.68 -2.53 -4.16
H261 GIT B . 19.03 -1.07 -2.38
H271 GIT B . 17.28 -0.54 -0.94
H141 GIT B . 19.03 -0.34 2.33
#